data_6LQN
#
_entry.id   6LQN
#
_cell.length_a   73.320
_cell.length_b   61.570
_cell.length_c   58.110
_cell.angle_alpha   90.000
_cell.angle_beta   90.000
_cell.angle_gamma   90.000
#
_symmetry.space_group_name_H-M   'P 21 21 2'
#
loop_
_entity.id
_entity.type
_entity.pdbx_description
1 polymer 'Cytoplasmic envelopment protein 1'
2 non-polymer 'SULFATE ION'
3 non-polymer 'NITRATE ION'
4 water water
#
_entity_poly.entity_id   1
_entity_poly.type   'polypeptide(L)'
_entity_poly.pdbx_seq_one_letter_code
;GPH(MSE)GGS(MSE)QKVSLRVTPRLVLEVNRHNAICVATNVPEFYNARGDLNIRDLRAHVKAR(MSE)ISSQFCGYVL
VSLLDSEDQVDHLNIFPHVFSER(MSE)ILYKPNNVNL(MSE)E(MSE)CALLS(MSE)IENAKSPSIGLCREVLGRLTL
LHSKCNNLDSLFLYNGARTLLSTLVKYHDLEEGAATPGPWNEGLSLFKLHKELKRAPSEARDL(MSE)QSLFLTSGK
(MSE)GCLARSPKDYCADLNKEEDANSGFTFNLFYQDSLLTKHFQCQTVLQTLRRKCLGSDTVSKIIP
;
_entity_poly.pdbx_strand_id   A
#
# COMPACT_ATOMS: atom_id res chain seq x y z
N GLY A 1 -0.71 20.82 7.43
CA GLY A 1 -0.27 20.83 8.81
C GLY A 1 -1.38 20.58 9.81
N PRO A 2 -1.04 20.49 11.09
CA PRO A 2 -2.05 20.25 12.12
C PRO A 2 -2.80 21.49 12.57
N HIS A 3 -2.57 22.64 11.93
CA HIS A 3 -3.32 23.88 12.19
C HIS A 3 -3.12 24.34 13.64
N GLY A 5 -1.34 27.21 14.52
CA GLY A 5 -0.91 28.59 14.54
C GLY A 5 0.36 28.90 13.78
N GLY A 6 0.92 27.95 13.04
CA GLY A 6 1.97 28.23 12.08
C GLY A 6 3.29 27.53 12.34
N SER A 7 3.54 27.10 13.58
CA SER A 7 4.84 26.54 13.93
C SER A 7 5.05 25.13 13.39
N GLN A 9 3.78 23.86 10.29
CA GLN A 9 3.19 23.81 8.95
C GLN A 9 3.82 22.70 8.08
N LYS A 10 5.09 22.32 8.32
CA LYS A 10 5.59 21.20 7.51
C LYS A 10 5.25 19.83 8.07
N VAL A 11 4.61 19.73 9.23
CA VAL A 11 4.26 18.42 9.76
C VAL A 11 2.93 17.99 9.13
N SER A 12 2.95 16.88 8.40
CA SER A 12 1.79 16.44 7.65
C SER A 12 1.07 15.32 8.38
N LEU A 13 -0.23 15.51 8.60
CA LEU A 13 -1.14 14.50 9.12
C LEU A 13 -2.08 13.97 8.04
N ARG A 14 -1.71 14.16 6.78
CA ARG A 14 -2.55 13.70 5.68
C ARG A 14 -2.67 12.18 5.73
N VAL A 15 -3.88 11.68 5.43
CA VAL A 15 -4.16 10.25 5.46
C VAL A 15 -4.12 9.69 4.04
N THR A 16 -3.35 8.62 3.85
CA THR A 16 -3.16 7.96 2.56
C THR A 16 -3.43 6.47 2.71
N PRO A 17 -4.16 5.86 1.77
CA PRO A 17 -4.29 4.40 1.77
C PRO A 17 -2.97 3.75 1.39
N ARG A 18 -2.58 2.71 2.11
CA ARG A 18 -1.29 2.07 1.88
C ARG A 18 -1.41 0.56 1.94
N LEU A 19 -0.41 -0.11 1.34
CA LEU A 19 -0.22 -1.56 1.44
C LEU A 19 -1.41 -2.30 0.84
N VAL A 20 -1.81 -1.87 -0.36
CA VAL A 20 -3.04 -2.34 -0.97
C VAL A 20 -2.79 -3.64 -1.72
N LEU A 21 -3.53 -4.68 -1.37
CA LEU A 21 -3.39 -6.00 -1.97
C LEU A 21 -4.77 -6.59 -2.19
N GLU A 22 -4.90 -7.45 -3.20
CA GLU A 22 -6.12 -8.23 -3.42
C GLU A 22 -6.12 -9.47 -2.54
N VAL A 23 -7.26 -9.80 -1.95
CA VAL A 23 -7.37 -10.95 -1.06
C VAL A 23 -8.31 -11.97 -1.69
N ASN A 24 -7.86 -13.21 -1.79
CA ASN A 24 -8.67 -14.31 -2.31
C ASN A 24 -8.62 -15.49 -1.35
N ARG A 25 -9.74 -16.21 -1.25
CA ARG A 25 -9.76 -17.38 -0.38
C ARG A 25 -10.49 -18.52 -1.06
N HIS A 26 -10.00 -19.73 -0.81
CA HIS A 26 -10.78 -20.92 -1.12
C HIS A 26 -10.27 -22.03 -0.23
N ASN A 27 -11.12 -23.04 0.00
CA ASN A 27 -10.77 -24.11 0.95
C ASN A 27 -10.31 -23.45 2.24
N ALA A 28 -9.15 -23.82 2.78
CA ALA A 28 -8.60 -23.22 3.99
C ALA A 28 -7.40 -22.33 3.68
N ILE A 29 -7.29 -21.83 2.45
CA ILE A 29 -6.16 -21.04 1.99
CA ILE A 29 -6.15 -21.02 2.10
C ILE A 29 -6.63 -19.60 1.76
N CYS A 30 -5.78 -18.65 2.12
CA CYS A 30 -6.03 -17.25 1.90
C CYS A 30 -4.75 -16.65 1.33
N VAL A 31 -4.86 -15.88 0.27
CA VAL A 31 -3.69 -15.31 -0.39
CA VAL A 31 -3.68 -15.31 -0.37
C VAL A 31 -3.92 -13.83 -0.60
N ALA A 32 -2.92 -13.01 -0.27
CA ALA A 32 -2.93 -11.58 -0.55
C ALA A 32 -1.89 -11.32 -1.62
N THR A 33 -2.29 -10.66 -2.71
CA THR A 33 -1.44 -10.53 -3.89
C THR A 33 -1.50 -9.10 -4.41
N ASN A 34 -0.39 -8.63 -4.93
CA ASN A 34 -0.42 -7.37 -5.66
C ASN A 34 -1.17 -7.53 -6.97
N VAL A 35 -1.74 -6.44 -7.45
CA VAL A 35 -2.37 -6.42 -8.78
C VAL A 35 -1.28 -6.50 -9.85
N PRO A 36 -1.48 -7.26 -10.94
CA PRO A 36 -0.45 -7.41 -11.99
C PRO A 36 -0.12 -6.09 -12.69
N GLU A 37 0.97 -6.12 -13.45
CA GLU A 37 1.44 -4.96 -14.21
C GLU A 37 0.70 -4.83 -15.52
N PHE A 38 -0.43 -4.12 -15.51
CA PHE A 38 -1.24 -3.92 -16.71
C PHE A 38 -0.73 -2.70 -17.49
N TYR A 39 0.50 -2.80 -17.95
CA TYR A 39 1.09 -1.75 -18.77
C TYR A 39 2.29 -2.34 -19.50
N ASN A 40 2.68 -1.68 -20.59
CA ASN A 40 3.77 -2.16 -21.43
C ASN A 40 5.08 -1.48 -21.02
N ALA A 41 6.13 -1.69 -21.81
CA ALA A 41 7.44 -1.16 -21.47
C ALA A 41 7.45 0.37 -21.44
N ARG A 42 6.68 1.01 -22.31
CA ARG A 42 6.61 2.47 -22.36
C ARG A 42 5.76 3.06 -21.25
N GLY A 43 5.08 2.24 -20.46
CA GLY A 43 4.19 2.78 -19.47
C GLY A 43 2.80 3.10 -19.97
N ASP A 44 2.47 2.73 -21.21
CA ASP A 44 1.10 2.82 -21.67
C ASP A 44 0.24 1.86 -20.87
N LEU A 45 -0.84 2.37 -20.30
CA LEU A 45 -1.70 1.59 -19.42
C LEU A 45 -2.65 0.72 -20.24
N ASN A 46 -2.73 -0.57 -19.91
CA ASN A 46 -3.62 -1.51 -20.62
C ASN A 46 -4.96 -1.47 -19.93
N ILE A 47 -5.77 -0.46 -20.24
CA ILE A 47 -7.09 -0.27 -19.60
C ILE A 47 -8.01 -1.45 -19.88
N ARG A 48 -7.94 -2.01 -21.07
CA ARG A 48 -8.82 -3.15 -21.38
C ARG A 48 -8.54 -4.32 -20.45
N ASP A 49 -7.28 -4.71 -20.30
CA ASP A 49 -7.00 -5.86 -19.44
C ASP A 49 -7.19 -5.52 -17.96
N LEU A 50 -6.85 -4.30 -17.55
CA LEU A 50 -7.13 -3.89 -16.17
C LEU A 50 -8.63 -3.96 -15.86
N ARG A 51 -9.45 -3.40 -16.75
CA ARG A 51 -10.90 -3.42 -16.50
C ARG A 51 -11.42 -4.83 -16.45
N ALA A 52 -10.97 -5.69 -17.37
CA ALA A 52 -11.41 -7.08 -17.37
C ALA A 52 -11.02 -7.77 -16.07
N HIS A 53 -9.81 -7.50 -15.57
CA HIS A 53 -9.35 -8.08 -14.32
C HIS A 53 -10.27 -7.70 -13.16
N VAL A 54 -10.62 -6.42 -13.07
CA VAL A 54 -11.44 -5.94 -11.96
CA VAL A 54 -11.43 -5.98 -11.95
C VAL A 54 -12.85 -6.51 -12.06
N LYS A 55 -13.42 -6.56 -13.27
CA LYS A 55 -14.74 -7.15 -13.43
C LYS A 55 -14.73 -8.62 -13.05
N ALA A 56 -13.65 -9.34 -13.40
CA ALA A 56 -13.54 -10.74 -12.98
C ALA A 56 -13.48 -10.86 -11.47
N ARG A 57 -12.75 -9.95 -10.80
CA ARG A 57 -12.69 -10.01 -9.35
C ARG A 57 -14.06 -9.79 -8.73
N ILE A 59 -17.02 -10.50 -9.65
CA ILE A 59 -17.97 -11.60 -9.76
C ILE A 59 -17.40 -12.93 -9.25
N SER A 60 -16.11 -12.98 -8.95
CA SER A 60 -15.44 -14.22 -8.56
CA SER A 60 -15.53 -14.27 -8.60
C SER A 60 -15.92 -14.72 -7.20
N SER A 61 -16.03 -16.03 -7.06
CA SER A 61 -16.39 -16.63 -5.78
C SER A 61 -15.27 -16.54 -4.75
N GLN A 62 -14.01 -16.33 -5.19
CA GLN A 62 -12.86 -16.34 -4.29
C GLN A 62 -12.53 -14.97 -3.73
N PHE A 63 -12.95 -13.89 -4.39
CA PHE A 63 -12.47 -12.56 -4.06
C PHE A 63 -13.11 -12.03 -2.78
N CYS A 64 -12.27 -11.52 -1.88
CA CYS A 64 -12.68 -11.05 -0.56
C CYS A 64 -12.61 -9.54 -0.41
N GLY A 65 -11.93 -8.85 -1.31
CA GLY A 65 -11.78 -7.42 -1.23
C GLY A 65 -10.33 -7.04 -1.30
N TYR A 66 -10.07 -5.75 -1.12
CA TYR A 66 -8.71 -5.19 -1.07
C TYR A 66 -8.36 -4.95 0.38
N VAL A 67 -7.22 -5.45 0.82
CA VAL A 67 -6.77 -5.13 2.19
C VAL A 67 -6.00 -3.81 2.06
N LEU A 68 -6.24 -2.88 2.95
CA LEU A 68 -5.48 -1.61 2.91
C LEU A 68 -5.38 -1.01 4.31
N VAL A 69 -4.39 -0.15 4.50
CA VAL A 69 -4.24 0.53 5.79
CA VAL A 69 -4.25 0.53 5.79
C VAL A 69 -4.18 2.03 5.55
N SER A 70 -4.93 2.79 6.33
CA SER A 70 -4.88 4.25 6.29
C SER A 70 -3.75 4.72 7.20
N LEU A 71 -2.75 5.39 6.63
CA LEU A 71 -1.60 5.87 7.40
C LEU A 71 -1.46 7.39 7.29
N LEU A 72 -1.01 7.99 8.37
CA LEU A 72 -0.72 9.43 8.32
C LEU A 72 0.67 9.58 7.72
N ASP A 73 0.90 10.70 7.09
CA ASP A 73 2.20 10.97 6.44
C ASP A 73 3.33 10.89 7.49
N SER A 74 3.12 11.45 8.67
CA SER A 74 4.19 11.40 9.70
C SER A 74 4.41 10.00 10.27
N GLU A 75 3.49 9.08 10.05
CA GLU A 75 3.69 7.70 10.52
C GLU A 75 4.58 6.91 9.58
N ASP A 76 4.68 7.32 8.32
CA ASP A 76 5.25 6.48 7.25
C ASP A 76 6.70 6.86 7.01
N GLN A 77 7.62 6.12 7.66
CA GLN A 77 9.06 6.40 7.59
C GLN A 77 9.78 5.50 6.57
N VAL A 78 9.11 5.18 5.46
CA VAL A 78 9.57 4.40 4.32
CA VAL A 78 9.64 4.40 4.34
C VAL A 78 9.75 2.92 4.69
N ASP A 79 10.62 2.59 5.65
CA ASP A 79 10.72 1.18 6.04
C ASP A 79 10.46 0.96 7.53
N HIS A 80 10.06 1.99 8.26
CA HIS A 80 9.57 1.85 9.63
C HIS A 80 8.27 2.63 9.77
N LEU A 81 7.44 2.21 10.73
CA LEU A 81 6.15 2.86 10.99
C LEU A 81 6.12 3.43 12.40
N ASN A 82 5.86 4.72 12.50
CA ASN A 82 5.76 5.38 13.80
C ASN A 82 4.30 5.35 14.24
N ILE A 83 3.88 4.19 14.74
CA ILE A 83 2.48 3.97 15.09
C ILE A 83 2.42 2.79 16.05
N PHE A 84 1.53 2.87 17.04
CA PHE A 84 1.43 1.73 17.94
C PHE A 84 0.67 0.58 17.28
N PRO A 85 1.04 -0.67 17.60
CA PRO A 85 0.34 -1.81 17.01
C PRO A 85 -1.18 -1.79 17.15
N HIS A 86 -1.72 -1.37 18.30
CA HIS A 86 -3.17 -1.41 18.43
C HIS A 86 -3.84 -0.34 17.58
N VAL A 87 -3.12 0.76 17.30
CA VAL A 87 -3.62 1.77 16.39
C VAL A 87 -3.57 1.27 14.95
N PHE A 88 -2.43 0.67 14.57
CA PHE A 88 -2.26 0.14 13.22
C PHE A 88 -3.35 -0.88 12.89
N SER A 89 -3.65 -1.78 13.82
CA SER A 89 -4.69 -2.79 13.58
CA SER A 89 -4.69 -2.78 13.56
C SER A 89 -6.02 -2.14 13.22
N GLU A 90 -6.40 -1.06 13.92
CA GLU A 90 -7.68 -0.40 13.63
C GLU A 90 -7.68 0.29 12.28
N ARG A 91 -6.51 0.67 11.79
CA ARG A 91 -6.41 1.37 10.52
C ARG A 91 -6.52 0.43 9.33
N ILE A 93 -8.21 -2.28 6.95
CA ILE A 93 -9.55 -2.75 6.63
C ILE A 93 -9.50 -3.69 5.44
N LEU A 94 -10.50 -4.55 5.36
CA LEU A 94 -10.76 -5.36 4.17
C LEU A 94 -11.94 -4.72 3.43
N TYR A 95 -11.66 -4.15 2.27
CA TYR A 95 -12.57 -3.23 1.58
C TYR A 95 -13.12 -3.90 0.33
N LYS A 96 -14.44 -4.01 0.24
CA LYS A 96 -15.08 -4.61 -0.92
C LYS A 96 -16.26 -3.75 -1.33
N PRO A 97 -16.00 -2.68 -2.07
CA PRO A 97 -17.08 -1.82 -2.53
C PRO A 97 -17.86 -2.51 -3.64
N ASN A 98 -19.17 -2.31 -3.66
CA ASN A 98 -19.96 -2.92 -4.71
C ASN A 98 -20.02 -1.97 -5.92
N ASN A 99 -18.83 -1.65 -6.42
CA ASN A 99 -18.71 -0.63 -7.47
C ASN A 99 -17.42 -0.88 -8.24
N VAL A 100 -17.54 -1.14 -9.54
CA VAL A 100 -16.39 -1.49 -10.37
C VAL A 100 -15.38 -0.36 -10.40
N ASN A 101 -15.86 0.88 -10.42
CA ASN A 101 -14.95 2.01 -10.53
C ASN A 101 -14.10 2.18 -9.27
N LEU A 102 -14.70 2.04 -8.09
CA LEU A 102 -13.90 2.08 -6.86
C LEU A 102 -12.94 0.91 -6.80
N GLU A 104 -11.53 -0.52 -9.37
CA GLU A 104 -10.41 -0.23 -10.25
C GLU A 104 -9.45 0.79 -9.64
N CYS A 106 -8.77 1.00 -6.45
CA CYS A 106 -7.95 0.21 -5.51
C CYS A 106 -6.91 -0.59 -6.24
N ALA A 107 -7.29 -1.21 -7.37
CA ALA A 107 -6.33 -1.98 -8.14
C ALA A 107 -5.17 -1.11 -8.62
N LEU A 108 -5.47 0.13 -9.04
CA LEU A 108 -4.40 1.02 -9.47
C LEU A 108 -3.48 1.40 -8.31
N LEU A 109 -4.04 1.62 -7.12
CA LEU A 109 -3.19 1.88 -5.96
C LEU A 109 -2.22 0.73 -5.72
N SER A 110 -2.72 -0.51 -5.82
CA SER A 110 -1.84 -1.67 -5.66
C SER A 110 -0.76 -1.66 -6.74
N ILE A 112 0.45 0.93 -8.35
CA ILE A 112 1.41 2.01 -8.05
C ILE A 112 2.45 1.52 -7.04
N GLU A 113 1.98 0.93 -5.94
CA GLU A 113 2.88 0.52 -4.86
C GLU A 113 3.83 -0.57 -5.31
N ASN A 114 3.39 -1.45 -6.20
CA ASN A 114 4.18 -2.60 -6.58
C ASN A 114 4.94 -2.42 -7.89
N ALA A 115 4.94 -1.22 -8.46
CA ALA A 115 5.68 -0.99 -9.71
C ALA A 115 7.18 -1.08 -9.44
N LYS A 116 7.88 -1.95 -10.18
CA LYS A 116 9.31 -2.12 -9.96
C LYS A 116 10.08 -0.88 -10.42
N SER A 117 9.90 -0.50 -11.68
CA SER A 117 10.65 0.59 -12.29
C SER A 117 9.66 1.55 -12.93
N PRO A 118 9.00 2.38 -12.11
CA PRO A 118 8.01 3.31 -12.67
C PRO A 118 8.69 4.37 -13.52
N SER A 119 8.01 4.75 -14.60
CA SER A 119 8.44 5.81 -15.48
C SER A 119 7.48 6.98 -15.36
N ILE A 120 7.93 8.16 -15.82
CA ILE A 120 7.04 9.32 -15.77
C ILE A 120 5.81 9.09 -16.64
N GLY A 121 5.97 8.35 -17.75
CA GLY A 121 4.82 8.07 -18.60
C GLY A 121 3.78 7.21 -17.90
N LEU A 122 4.23 6.17 -17.20
CA LEU A 122 3.29 5.36 -16.43
C LEU A 122 2.57 6.21 -15.38
N CYS A 123 3.30 7.07 -14.67
CA CYS A 123 2.67 7.85 -13.61
C CYS A 123 1.61 8.78 -14.17
N ARG A 124 1.88 9.41 -15.31
CA ARG A 124 0.89 10.29 -15.92
C ARG A 124 -0.32 9.50 -16.41
N GLU A 125 -0.09 8.33 -17.02
CA GLU A 125 -1.20 7.49 -17.49
C GLU A 125 -2.09 7.07 -16.34
N VAL A 126 -1.48 6.59 -15.25
CA VAL A 126 -2.25 6.14 -14.09
C VAL A 126 -3.05 7.30 -13.51
N LEU A 127 -2.41 8.47 -13.37
CA LEU A 127 -3.12 9.63 -12.85
C LEU A 127 -4.31 9.99 -13.73
N GLY A 128 -4.14 9.95 -15.05
CA GLY A 128 -5.25 10.24 -15.95
C GLY A 128 -6.41 9.28 -15.78
N ARG A 129 -6.11 7.98 -15.59
CA ARG A 129 -7.17 7.00 -15.39
C ARG A 129 -7.88 7.22 -14.06
N LEU A 130 -7.12 7.52 -13.01
CA LEU A 130 -7.72 7.80 -11.70
C LEU A 130 -8.59 9.05 -11.75
N THR A 131 -8.14 10.09 -12.47
CA THR A 131 -8.97 11.28 -12.62
C THR A 131 -10.30 10.94 -13.27
N LEU A 132 -10.26 10.09 -14.32
CA LEU A 132 -11.50 9.69 -14.97
C LEU A 132 -12.39 8.88 -14.02
N LEU A 133 -11.81 7.93 -13.30
CA LEU A 133 -12.59 7.11 -12.40
C LEU A 133 -13.21 7.95 -11.29
N HIS A 134 -12.44 8.87 -10.71
CA HIS A 134 -12.99 9.75 -9.68
C HIS A 134 -14.12 10.61 -10.25
N SER A 135 -14.00 11.05 -11.50
CA SER A 135 -15.06 11.86 -12.10
C SER A 135 -16.35 11.07 -12.29
N LYS A 136 -16.25 9.74 -12.40
CA LYS A 136 -17.42 8.89 -12.55
C LYS A 136 -18.04 8.46 -11.23
N CYS A 137 -17.27 8.49 -10.13
CA CYS A 137 -17.80 8.17 -8.80
C CYS A 137 -18.24 9.40 -8.03
N ASN A 138 -17.36 10.40 -7.94
CA ASN A 138 -17.65 11.65 -7.26
C ASN A 138 -18.28 11.43 -5.88
N ASN A 139 -17.61 10.62 -5.07
CA ASN A 139 -18.04 10.44 -3.68
C ASN A 139 -16.81 10.50 -2.79
N LEU A 140 -17.02 10.32 -1.49
CA LEU A 140 -15.94 10.51 -0.54
C LEU A 140 -14.89 9.42 -0.63
N ASP A 141 -15.30 8.17 -0.90
CA ASP A 141 -14.31 7.11 -1.09
C ASP A 141 -13.44 7.39 -2.30
N SER A 142 -14.05 7.80 -3.42
CA SER A 142 -13.23 8.05 -4.60
C SER A 142 -12.30 9.24 -4.40
N LEU A 143 -12.73 10.25 -3.63
CA LEU A 143 -11.85 11.37 -3.33
C LEU A 143 -10.66 10.90 -2.50
N PHE A 144 -10.93 10.10 -1.46
CA PHE A 144 -9.85 9.58 -0.63
C PHE A 144 -8.88 8.75 -1.46
N LEU A 145 -9.41 7.90 -2.35
CA LEU A 145 -8.54 7.05 -3.15
C LEU A 145 -7.80 7.86 -4.20
N TYR A 146 -8.47 8.85 -4.82
CA TYR A 146 -7.79 9.71 -5.79
C TYR A 146 -6.66 10.49 -5.12
N ASN A 147 -6.96 11.17 -4.00
CA ASN A 147 -5.93 11.93 -3.31
C ASN A 147 -4.77 11.02 -2.90
N GLY A 148 -5.08 9.82 -2.42
CA GLY A 148 -4.04 8.89 -2.01
C GLY A 148 -3.16 8.47 -3.16
N ALA A 149 -3.76 8.14 -4.30
CA ALA A 149 -2.96 7.72 -5.44
C ALA A 149 -2.09 8.86 -5.95
N ARG A 150 -2.64 10.08 -5.95
CA ARG A 150 -1.83 11.22 -6.35
C ARG A 150 -0.65 11.41 -5.42
N THR A 151 -0.86 11.24 -4.12
CA THR A 151 0.25 11.36 -3.17
C THR A 151 1.31 10.29 -3.43
N LEU A 152 0.88 9.04 -3.67
CA LEU A 152 1.84 7.96 -3.89
C LEU A 152 2.58 8.14 -5.22
N LEU A 153 1.85 8.51 -6.28
CA LEU A 153 2.53 8.80 -7.54
C LEU A 153 3.55 9.93 -7.37
N SER A 154 3.15 10.98 -6.68
CA SER A 154 4.06 12.13 -6.45
C SER A 154 5.29 11.66 -5.68
N THR A 155 5.10 10.75 -4.72
CA THR A 155 6.28 10.27 -3.97
C THR A 155 7.28 9.60 -4.92
N LEU A 156 6.79 8.78 -5.85
CA LEU A 156 7.70 8.10 -6.81
C LEU A 156 8.35 9.11 -7.77
N VAL A 157 7.57 10.05 -8.27
CA VAL A 157 8.06 11.05 -9.25
C VAL A 157 9.21 11.81 -8.59
N LYS A 158 9.00 12.21 -7.35
CA LYS A 158 10.08 12.90 -6.61
CA LYS A 158 10.08 12.91 -6.61
C LYS A 158 11.38 12.14 -6.21
N TYR A 159 11.09 10.97 -5.65
CA TYR A 159 12.13 10.05 -5.13
C TYR A 159 13.00 9.55 -6.27
N HIS A 160 12.39 9.22 -7.40
CA HIS A 160 13.17 8.62 -8.50
C HIS A 160 13.57 9.66 -9.55
N ASP A 161 13.30 10.94 -9.29
CA ASP A 161 13.71 12.03 -10.21
C ASP A 161 13.12 11.79 -11.60
N LEU A 162 11.85 11.42 -11.66
CA LEU A 162 11.19 11.10 -12.95
C LEU A 162 10.87 12.35 -13.77
N GLU A 163 10.79 13.51 -13.15
CA GLU A 163 10.52 14.71 -13.97
C GLU A 163 11.80 15.53 -14.11
N GLU A 164 12.27 15.72 -15.35
CA GLU A 164 13.46 16.56 -15.65
C GLU A 164 12.99 17.87 -16.33
N GLY A 170 2.97 21.30 -12.31
CA GLY A 170 2.62 19.91 -12.67
C GLY A 170 1.43 19.41 -11.87
N PRO A 171 1.00 18.15 -12.06
CA PRO A 171 -0.14 17.64 -11.33
C PRO A 171 0.26 17.04 -9.97
N TRP A 172 1.55 16.98 -9.72
CA TRP A 172 2.08 16.31 -8.49
C TRP A 172 2.04 17.18 -7.25
N ASN A 173 1.89 16.53 -6.11
CA ASN A 173 2.05 17.21 -4.80
C ASN A 173 3.48 16.90 -4.32
N GLU A 174 3.75 17.16 -3.05
CA GLU A 174 5.11 16.89 -2.54
C GLU A 174 5.31 15.41 -2.21
N GLY A 175 4.22 14.63 -2.20
CA GLY A 175 4.32 13.22 -1.87
C GLY A 175 4.40 13.02 -0.37
N LEU A 176 4.78 11.83 0.06
CA LEU A 176 4.90 11.57 1.52
C LEU A 176 6.14 12.32 2.03
N SER A 177 5.98 13.09 3.08
CA SER A 177 7.07 13.99 3.52
C SER A 177 8.34 13.26 3.97
N LEU A 178 8.20 12.13 4.64
CA LEU A 178 9.42 11.47 5.16
C LEU A 178 10.24 10.77 4.07
N PHE A 179 9.63 10.51 2.90
CA PHE A 179 10.36 9.97 1.75
C PHE A 179 11.33 11.03 1.23
N LYS A 180 10.93 12.29 1.29
CA LYS A 180 11.87 13.36 0.89
C LYS A 180 13.06 13.38 1.86
N LEU A 181 12.79 13.28 3.14
CA LEU A 181 13.90 13.28 4.12
C LEU A 181 14.75 12.04 3.92
N HIS A 182 14.11 10.89 3.70
CA HIS A 182 14.87 9.67 3.54
C HIS A 182 15.86 9.77 2.39
N LYS A 183 15.44 10.32 1.26
CA LYS A 183 16.34 10.49 0.13
C LYS A 183 17.45 11.49 0.45
N GLU A 184 17.09 12.65 1.00
CA GLU A 184 18.06 13.71 1.25
C GLU A 184 19.15 13.28 2.22
N LEU A 185 18.79 12.49 3.24
CA LEU A 185 19.79 12.16 4.25
C LEU A 185 20.88 11.25 3.71
N LYS A 186 20.63 10.50 2.63
CA LYS A 186 21.65 9.61 2.09
C LYS A 186 22.92 10.35 1.68
N ARG A 187 22.83 11.65 1.40
CA ARG A 187 23.98 12.43 1.00
C ARG A 187 24.47 13.39 2.07
N ALA A 188 23.88 13.34 3.27
CA ALA A 188 24.36 14.18 4.36
C ALA A 188 25.67 13.61 4.91
N PRO A 189 26.51 14.45 5.53
CA PRO A 189 27.71 13.92 6.19
C PRO A 189 27.32 12.86 7.21
N SER A 190 28.23 11.92 7.43
CA SER A 190 27.85 10.63 8.02
C SER A 190 27.28 10.78 9.43
N GLU A 191 27.95 11.56 10.29
CA GLU A 191 27.49 11.62 11.68
C GLU A 191 26.09 12.25 11.76
N ALA A 192 25.88 13.36 11.04
CA ALA A 192 24.58 14.00 10.99
C ALA A 192 23.53 13.10 10.35
N ARG A 193 23.88 12.45 9.22
CA ARG A 193 23.00 11.49 8.58
C ARG A 193 22.50 10.42 9.57
N ASP A 194 23.43 9.80 10.29
CA ASP A 194 23.05 8.71 11.20
C ASP A 194 22.13 9.20 12.31
N LEU A 195 22.43 10.39 12.87
CA LEU A 195 21.61 10.92 13.95
C LEU A 195 20.21 11.23 13.47
N GLN A 197 18.65 9.98 10.87
CA GLN A 197 17.95 8.73 10.59
C GLN A 197 17.43 8.11 11.87
N SER A 198 18.24 8.10 12.94
CA SER A 198 17.76 7.56 14.21
C SER A 198 16.59 8.36 14.75
N LEU A 199 16.67 9.69 14.65
CA LEU A 199 15.63 10.54 15.22
C LEU A 199 14.33 10.41 14.46
N PHE A 200 14.38 10.43 13.13
CA PHE A 200 13.18 10.68 12.35
C PHE A 200 12.73 9.55 11.47
N LEU A 201 13.52 8.49 11.31
CA LEU A 201 13.22 7.45 10.34
C LEU A 201 13.44 6.04 10.86
N THR A 202 13.57 5.83 12.18
CA THR A 202 13.84 4.51 12.74
C THR A 202 12.91 4.23 13.93
N SER A 203 11.61 4.41 13.74
CA SER A 203 10.70 4.11 14.83
C SER A 203 10.77 2.65 15.21
N GLY A 204 10.76 2.39 16.52
CA GLY A 204 10.66 1.03 17.01
C GLY A 204 9.27 0.60 17.43
N LYS A 205 8.24 1.43 17.22
CA LYS A 205 6.93 1.15 17.81
C LYS A 205 6.30 -0.12 17.24
N GLY A 207 8.19 -2.70 15.95
CA GLY A 207 9.07 -3.86 16.13
C GLY A 207 9.99 -4.12 14.94
N CYS A 208 10.52 -5.35 14.92
CA CYS A 208 11.60 -5.74 14.03
CA CYS A 208 11.61 -5.64 14.00
C CYS A 208 11.12 -6.07 12.62
N LEU A 209 12.06 -6.06 11.68
CA LEU A 209 11.84 -6.36 10.27
C LEU A 209 12.42 -7.72 9.91
N ALA A 210 11.72 -8.43 9.02
CA ALA A 210 12.13 -9.74 8.53
C ALA A 210 12.82 -9.63 7.18
N ARG A 211 13.85 -10.45 6.99
CA ARG A 211 14.53 -10.53 5.71
C ARG A 211 13.57 -10.98 4.61
N SER A 212 12.73 -11.95 4.93
CA SER A 212 11.87 -12.59 3.92
C SER A 212 10.44 -12.65 4.44
N PRO A 213 9.58 -11.70 4.05
CA PRO A 213 8.15 -11.79 4.43
C PRO A 213 7.50 -13.10 4.06
N LYS A 214 7.78 -13.59 2.92
CA LYS A 214 7.18 -14.86 2.55
C LYS A 214 7.63 -16.00 3.44
N ASP A 215 8.88 -16.09 3.86
CA ASP A 215 9.28 -17.12 4.80
C ASP A 215 8.70 -16.87 6.18
N TYR A 216 8.58 -15.60 6.59
CA TYR A 216 7.95 -15.30 7.88
C TYR A 216 6.49 -15.76 7.89
N CYS A 217 5.75 -15.46 6.82
CA CYS A 217 4.38 -15.95 6.71
C CYS A 217 4.31 -17.46 6.70
N ALA A 218 5.27 -18.11 6.02
CA ALA A 218 5.29 -19.57 6.03
C ALA A 218 5.45 -20.10 7.46
N ASP A 219 6.28 -19.44 8.27
CA ASP A 219 6.46 -19.88 9.65
C ASP A 219 5.19 -19.67 10.47
N LEU A 220 4.46 -18.57 10.23
CA LEU A 220 3.17 -18.39 10.89
C LEU A 220 2.20 -19.51 10.55
N ASN A 221 2.30 -20.08 9.33
CA ASN A 221 1.42 -21.19 8.96
C ASN A 221 1.81 -22.47 9.66
N LYS A 222 3.12 -22.66 9.90
CA LYS A 222 3.61 -23.92 10.46
C LYS A 222 3.04 -24.17 11.85
N GLU A 223 2.73 -23.10 12.59
CA GLU A 223 2.31 -23.25 13.99
C GLU A 223 1.03 -24.07 14.12
N GLU A 224 0.11 -23.97 13.17
CA GLU A 224 -1.14 -24.71 13.21
C GLU A 224 -1.23 -25.79 12.14
N ASP A 225 -0.14 -26.04 11.40
CA ASP A 225 -0.17 -27.03 10.32
C ASP A 225 -0.68 -28.38 10.80
N ALA A 226 -0.17 -28.85 11.94
CA ALA A 226 -0.54 -30.17 12.43
C ALA A 226 -2.01 -30.27 12.79
N ASN A 227 -2.65 -29.14 13.11
CA ASN A 227 -4.07 -29.10 13.43
C ASN A 227 -4.94 -28.63 12.27
N SER A 228 -4.39 -28.66 11.05
CA SER A 228 -5.16 -28.29 9.84
CA SER A 228 -5.15 -28.29 9.85
C SER A 228 -5.64 -26.84 9.92
N GLY A 229 -4.77 -25.96 10.41
CA GLY A 229 -5.10 -24.56 10.48
C GLY A 229 -5.18 -23.94 9.10
N PHE A 230 -5.60 -22.68 9.08
CA PHE A 230 -5.62 -21.92 7.84
C PHE A 230 -4.21 -21.65 7.34
N THR A 231 -4.10 -21.51 6.03
CA THR A 231 -2.86 -21.15 5.36
C THR A 231 -3.02 -19.75 4.80
N PHE A 232 -2.08 -18.86 5.14
CA PHE A 232 -2.05 -17.52 4.57
C PHE A 232 -0.72 -17.28 3.89
N ASN A 233 -0.77 -16.77 2.66
CA ASN A 233 0.44 -16.48 1.91
C ASN A 233 0.33 -15.08 1.31
N LEU A 234 1.48 -14.41 1.19
CA LEU A 234 1.58 -13.04 0.70
C LEU A 234 2.48 -13.01 -0.53
N PHE A 235 2.03 -12.31 -1.57
CA PHE A 235 2.83 -12.09 -2.78
C PHE A 235 2.83 -10.60 -3.10
N TYR A 236 4.02 -10.00 -3.18
CA TYR A 236 4.09 -8.59 -3.54
C TYR A 236 5.44 -8.35 -4.21
N GLN A 237 5.60 -7.17 -4.80
CA GLN A 237 6.85 -6.78 -5.45
C GLN A 237 7.60 -5.79 -4.56
N ASP A 238 8.85 -6.13 -4.23
CA ASP A 238 9.68 -5.22 -3.44
C ASP A 238 9.89 -3.92 -4.20
N SER A 239 9.64 -2.80 -3.54
CA SER A 239 9.77 -1.48 -4.14
C SER A 239 9.85 -0.44 -3.02
N LEU A 240 10.04 0.82 -3.42
CA LEU A 240 10.06 1.91 -2.47
C LEU A 240 8.82 1.93 -1.58
N LEU A 241 7.66 1.56 -2.12
CA LEU A 241 6.41 1.73 -1.42
C LEU A 241 5.90 0.46 -0.76
N THR A 242 6.63 -0.66 -0.82
CA THR A 242 6.19 -1.90 -0.17
C THR A 242 7.14 -2.36 0.92
N LYS A 243 8.04 -1.50 1.39
CA LYS A 243 8.99 -1.92 2.41
C LYS A 243 8.33 -2.33 3.72
N HIS A 244 7.14 -1.79 4.02
CA HIS A 244 6.52 -2.10 5.30
C HIS A 244 6.06 -3.54 5.42
N PHE A 245 5.96 -4.27 4.30
CA PHE A 245 5.66 -5.68 4.42
C PHE A 245 6.79 -6.46 5.07
N GLN A 246 7.98 -5.88 5.25
CA GLN A 246 9.00 -6.56 6.02
C GLN A 246 8.79 -6.48 7.52
N CYS A 247 7.88 -5.65 8.00
CA CYS A 247 7.67 -5.53 9.43
C CYS A 247 6.87 -6.73 9.96
N GLN A 248 7.44 -7.43 10.95
CA GLN A 248 6.83 -8.66 11.44
C GLN A 248 5.43 -8.40 12.00
N THR A 249 5.25 -7.31 12.74
CA THR A 249 3.94 -7.02 13.29
C THR A 249 2.93 -6.67 12.21
N VAL A 250 3.37 -5.98 11.14
CA VAL A 250 2.53 -5.77 9.98
C VAL A 250 2.05 -7.09 9.41
N LEU A 251 2.97 -8.06 9.26
CA LEU A 251 2.59 -9.34 8.67
C LEU A 251 1.61 -10.09 9.57
N GLN A 252 1.82 -10.06 10.89
CA GLN A 252 0.87 -10.71 11.81
C GLN A 252 -0.50 -10.08 11.70
N THR A 253 -0.56 -8.75 11.59
CA THR A 253 -1.83 -8.04 11.46
C THR A 253 -2.48 -8.35 10.11
N LEU A 254 -1.71 -8.30 9.02
CA LEU A 254 -2.22 -8.69 7.71
C LEU A 254 -2.84 -10.09 7.72
N ARG A 255 -2.14 -11.05 8.31
CA ARG A 255 -2.65 -12.42 8.34
C ARG A 255 -3.99 -12.48 9.06
N ARG A 256 -4.06 -11.85 10.23
CA ARG A 256 -5.29 -11.85 11.03
C ARG A 256 -6.44 -11.18 10.28
N LYS A 257 -6.18 -10.03 9.64
CA LYS A 257 -7.26 -9.31 8.98
C LYS A 257 -7.71 -10.03 7.71
N CYS A 258 -6.77 -10.58 6.95
CA CYS A 258 -7.17 -11.29 5.73
C CYS A 258 -7.97 -12.55 6.05
N LEU A 259 -7.69 -13.20 7.18
CA LEU A 259 -8.43 -14.40 7.57
C LEU A 259 -9.71 -14.08 8.34
N GLY A 260 -9.87 -12.85 8.83
CA GLY A 260 -11.03 -12.47 9.61
C GLY A 260 -12.25 -12.20 8.75
N SER A 261 -13.35 -11.88 9.44
CA SER A 261 -14.65 -11.79 8.78
C SER A 261 -15.09 -10.37 8.46
N ASP A 262 -14.39 -9.35 8.96
CA ASP A 262 -14.93 -7.98 8.91
C ASP A 262 -14.60 -7.33 7.56
N THR A 263 -15.56 -7.34 6.65
CA THR A 263 -15.45 -6.62 5.38
C THR A 263 -16.30 -5.36 5.43
N VAL A 264 -15.78 -4.25 4.92
CA VAL A 264 -16.56 -3.03 4.83
C VAL A 264 -16.72 -2.65 3.37
N SER A 265 -17.81 -1.94 3.08
CA SER A 265 -18.10 -1.51 1.71
C SER A 265 -17.91 -0.02 1.52
N LYS A 266 -17.60 0.73 2.58
CA LYS A 266 -17.34 2.15 2.50
C LYS A 266 -16.15 2.49 3.40
N ILE A 267 -15.27 3.36 2.92
CA ILE A 267 -14.14 3.79 3.74
C ILE A 267 -14.48 5.00 4.58
N ILE A 268 -15.01 6.04 3.94
CA ILE A 268 -15.25 7.31 4.61
C ILE A 268 -16.69 7.37 5.14
#